data_6D2Q
#
_entry.id   6D2Q
#
_cell.length_a   56.031
_cell.length_b   59.436
_cell.length_c   97.462
_cell.angle_alpha   90.00
_cell.angle_beta   90.00
_cell.angle_gamma   90.00
#
_symmetry.space_group_name_H-M   'P 21 21 21'
#
_entity_poly.entity_id   1
_entity_poly.type   'polypeptide(L)'
_entity_poly.pdbx_seq_one_letter_code
;SGRQISIRVQMLDDTQEVFEVSQRAPGKALFDLVCSHLNLVEGDYFGLEFQDQRKMIVWLDLLKPILKQIRRPKNIILRF
VVKFFPPDHTQLLEELTRYLFALQIKHDLACGRLTCNESSAALLVAHIVQSEIGDFDEVQCKQHLLNNKYIPEQDTLMDK
IIGYHRKHVGQTPAESDYQLLEIARRLEMYGVRLHPAKDREGTRLSLAVAHSGVLVFQGHTKINAFNWSKVRKLSFKRKR
FLIKLRPDLNSNCQDTLEFMMGSRDCCKVFWKICVEYHAFFRLFE
;
_entity_poly.pdbx_strand_id   A
#
# COMPACT_ATOMS: atom_id res chain seq x y z
N GLY A 2 27.63 0.86 17.38
CA GLY A 2 26.45 0.12 17.82
C GLY A 2 25.57 0.87 18.81
N ARG A 3 25.77 2.17 18.90
CA ARG A 3 25.07 3.00 19.87
C ARG A 3 23.56 3.03 19.57
N GLN A 4 22.81 3.53 20.53
CA GLN A 4 21.36 3.64 20.37
C GLN A 4 20.98 4.97 19.73
N ILE A 5 19.93 4.93 18.91
CA ILE A 5 19.40 6.09 18.21
C ILE A 5 17.89 6.12 18.43
N SER A 6 17.28 7.25 18.09
CA SER A 6 15.84 7.42 18.21
C SER A 6 15.25 7.69 16.83
N ILE A 7 14.20 6.95 16.49
CA ILE A 7 13.59 7.00 15.16
C ILE A 7 12.13 7.38 15.31
N ARG A 8 11.69 8.36 14.52
CA ARG A 8 10.32 8.84 14.55
CA ARG A 8 10.32 8.84 14.55
C ARG A 8 9.51 8.10 13.50
N VAL A 9 8.55 7.30 13.95
CA VAL A 9 7.71 6.48 13.07
C VAL A 9 6.31 7.07 13.05
N GLN A 10 5.73 7.17 11.85
CA GLN A 10 4.38 7.69 11.67
C GLN A 10 3.41 6.54 11.41
N MET A 11 2.31 6.54 12.14
CA MET A 11 1.32 5.47 12.05
C MET A 11 0.21 5.83 11.05
N LEU A 12 -0.57 4.82 10.69
CA LEU A 12 -1.65 4.98 9.72
C LEU A 12 -2.77 5.89 10.21
N ASP A 13 -2.84 6.16 11.51
CA ASP A 13 -3.84 7.07 12.06
C ASP A 13 -3.33 8.50 12.19
N ASP A 14 -2.33 8.88 11.39
CA ASP A 14 -1.77 10.23 11.35
C ASP A 14 -1.14 10.63 12.67
N THR A 15 -0.77 9.67 13.51
CA THR A 15 -0.03 9.95 14.73
C THR A 15 1.40 9.47 14.59
N GLN A 16 2.26 9.94 15.47
CA GLN A 16 3.68 9.63 15.40
C GLN A 16 4.21 9.24 16.77
N GLU A 17 5.15 8.30 16.77
CA GLU A 17 5.86 7.88 17.97
C GLU A 17 7.36 7.93 17.71
N VAL A 18 8.13 7.78 18.77
CA VAL A 18 9.58 7.79 18.71
C VAL A 18 10.12 6.58 19.46
N PHE A 19 10.82 5.71 18.76
CA PHE A 19 11.39 4.49 19.33
C PHE A 19 12.90 4.62 19.44
N GLU A 20 13.49 3.76 20.26
CA GLU A 20 14.94 3.73 20.47
C GLU A 20 15.45 2.33 20.19
N VAL A 21 16.32 2.21 19.18
CA VAL A 21 16.90 0.94 18.79
C VAL A 21 18.40 1.13 18.60
N SER A 22 19.16 0.06 18.83
CA SER A 22 20.58 0.08 18.52
C SER A 22 20.81 0.32 17.03
N GLN A 23 21.90 1.02 16.71
CA GLN A 23 22.25 1.28 15.32
C GLN A 23 22.52 -0.01 14.57
N ARG A 24 23.35 -0.88 15.13
CA ARG A 24 23.73 -2.13 14.49
C ARG A 24 22.66 -3.21 14.61
N ALA A 25 21.50 -2.88 15.16
CA ALA A 25 20.42 -3.85 15.22
C ALA A 25 19.77 -4.02 13.87
N PRO A 26 19.19 -5.19 13.59
CA PRO A 26 18.47 -5.39 12.33
C PRO A 26 17.18 -4.57 12.31
N GLY A 27 16.70 -4.30 11.10
CA GLY A 27 15.44 -3.58 10.96
C GLY A 27 14.28 -4.28 11.64
N LYS A 28 14.35 -5.62 11.73
CA LYS A 28 13.30 -6.37 12.42
C LYS A 28 13.15 -5.92 13.86
N ALA A 29 14.24 -5.50 14.51
CA ALA A 29 14.15 -5.05 15.89
C ALA A 29 13.24 -3.83 16.01
N LEU A 30 13.47 -2.82 15.16
CA LEU A 30 12.59 -1.66 15.16
C LEU A 30 11.18 -2.04 14.75
N PHE A 31 11.05 -2.88 13.71
CA PHE A 31 9.74 -3.30 13.26
C PHE A 31 8.96 -4.01 14.36
N ASP A 32 9.65 -4.79 15.19
CA ASP A 32 8.97 -5.46 16.31
C ASP A 32 8.43 -4.44 17.31
N LEU A 33 9.22 -3.41 17.62
CA LEU A 33 8.78 -2.41 18.58
C LEU A 33 7.53 -1.68 18.10
N VAL A 34 7.47 -1.36 16.81
CA VAL A 34 6.31 -0.67 16.27
C VAL A 34 5.09 -1.59 16.29
N CYS A 35 5.28 -2.88 16.06
CA CYS A 35 4.16 -3.81 16.11
C CYS A 35 3.65 -3.98 17.53
N SER A 36 4.55 -4.21 18.49
CA SER A 36 4.12 -4.38 19.87
C SER A 36 3.54 -3.09 20.45
N HIS A 37 4.04 -1.94 20.00
CA HIS A 37 3.40 -0.68 20.38
C HIS A 37 1.98 -0.60 19.86
N LEU A 38 1.75 -1.10 18.65
CA LEU A 38 0.41 -1.17 18.09
C LEU A 38 -0.33 -2.44 18.51
N ASN A 39 0.32 -3.33 19.26
CA ASN A 39 -0.24 -4.64 19.61
C ASN A 39 -0.65 -5.39 18.35
N LEU A 40 0.14 -5.22 17.29
CA LEU A 40 -0.16 -5.82 16.00
C LEU A 40 0.26 -7.30 16.03
N VAL A 41 -0.72 -8.18 15.99
CA VAL A 41 -0.43 -9.61 16.01
C VAL A 41 -0.15 -10.15 14.61
N GLU A 42 -0.73 -9.53 13.58
CA GLU A 42 -0.52 -9.97 12.21
C GLU A 42 0.33 -8.95 11.47
N GLY A 43 1.53 -8.69 11.99
CA GLY A 43 2.40 -7.68 11.41
C GLY A 43 3.12 -8.11 10.14
N ASP A 44 2.99 -9.38 9.74
CA ASP A 44 3.67 -9.87 8.55
C ASP A 44 3.29 -9.08 7.32
N TYR A 45 2.09 -8.52 7.28
CA TYR A 45 1.58 -7.80 6.11
C TYR A 45 2.13 -6.40 5.99
N PHE A 46 2.95 -5.94 6.93
CA PHE A 46 3.31 -4.53 7.01
C PHE A 46 4.82 -4.36 6.90
N GLY A 47 5.22 -3.10 6.76
CA GLY A 47 6.62 -2.74 6.66
C GLY A 47 6.81 -1.27 6.95
N LEU A 48 8.07 -0.87 6.99
CA LEU A 48 8.46 0.51 7.27
C LEU A 48 9.14 1.08 6.04
N GLU A 49 8.58 2.15 5.48
CA GLU A 49 9.16 2.77 4.30
C GLU A 49 9.48 4.24 4.58
N PHE A 50 10.41 4.75 3.78
CA PHE A 50 10.90 6.12 3.90
C PHE A 50 11.57 6.50 2.58
N GLN A 51 11.91 7.77 2.46
CA GLN A 51 12.64 8.25 1.30
C GLN A 51 14.13 8.37 1.63
N ASP A 52 14.97 7.88 0.72
CA ASP A 52 16.41 7.85 0.94
C ASP A 52 17.01 9.18 0.50
N GLN A 53 18.33 9.22 0.34
CA GLN A 53 19.00 10.41 -0.15
C GLN A 53 18.65 10.69 -1.61
N ARG A 54 18.35 9.64 -2.37
CA ARG A 54 17.93 9.78 -3.75
C ARG A 54 16.46 10.14 -3.88
N LYS A 55 15.81 10.49 -2.76
CA LYS A 55 14.44 10.98 -2.73
C LYS A 55 13.44 9.98 -3.32
N MET A 56 13.80 8.71 -3.37
CA MET A 56 12.90 7.65 -3.79
C MET A 56 12.50 6.82 -2.57
N ILE A 57 11.21 6.45 -2.52
CA ILE A 57 10.66 5.76 -1.37
C ILE A 57 11.14 4.31 -1.37
N VAL A 58 11.82 3.91 -0.30
CA VAL A 58 12.43 2.59 -0.18
C VAL A 58 11.94 1.93 1.09
N TRP A 59 11.76 0.60 1.05
CA TRP A 59 11.45 -0.14 2.26
C TRP A 59 12.66 -0.19 3.18
N LEU A 60 12.40 -0.46 4.46
CA LEU A 60 13.45 -0.71 5.43
C LEU A 60 13.74 -2.20 5.40
N ASP A 61 15.01 -2.56 5.15
CA ASP A 61 15.38 -3.97 5.14
C ASP A 61 15.39 -4.49 6.56
N LEU A 62 14.47 -5.39 6.88
CA LEU A 62 14.38 -5.90 8.24
C LEU A 62 15.49 -6.89 8.58
N LEU A 63 16.31 -7.27 7.60
CA LEU A 63 17.44 -8.15 7.86
C LEU A 63 18.77 -7.40 7.96
N LYS A 64 18.91 -6.31 7.23
CA LYS A 64 20.14 -5.53 7.26
C LYS A 64 20.18 -4.62 8.49
N PRO A 65 21.37 -4.16 8.88
CA PRO A 65 21.47 -3.25 10.02
C PRO A 65 20.73 -1.94 9.77
N ILE A 66 20.45 -1.23 10.87
CA ILE A 66 19.72 0.03 10.76
C ILE A 66 20.62 1.15 10.27
N LEU A 67 21.84 1.25 10.81
CA LEU A 67 22.75 2.33 10.44
C LEU A 67 23.23 2.21 8.99
N LYS A 68 23.09 1.03 8.37
CA LYS A 68 23.49 0.89 6.98
C LYS A 68 22.52 1.64 6.06
N GLN A 69 21.23 1.55 6.35
CA GLN A 69 20.19 2.13 5.52
C GLN A 69 19.66 3.46 6.06
N ILE A 70 20.12 3.89 7.23
CA ILE A 70 19.74 5.18 7.78
C ILE A 70 20.89 6.15 7.53
N ARG A 71 20.54 7.43 7.34
CA ARG A 71 21.54 8.47 7.15
C ARG A 71 21.50 9.46 8.33
N ARG A 72 20.45 10.26 8.43
CA ARG A 72 20.29 11.21 9.53
C ARG A 72 18.99 10.88 10.24
N PRO A 73 19.03 10.09 11.31
CA PRO A 73 17.78 9.73 12.02
C PRO A 73 17.10 10.91 12.69
N LYS A 74 17.72 12.09 12.74
CA LYS A 74 17.08 13.27 13.29
C LYS A 74 16.12 13.92 12.32
N ASN A 75 16.29 13.67 11.02
CA ASN A 75 15.47 14.31 10.00
C ASN A 75 14.48 13.36 9.32
N ILE A 76 14.81 12.08 9.24
CA ILE A 76 13.99 11.12 8.51
C ILE A 76 12.78 10.72 9.36
N ILE A 77 11.65 10.51 8.69
CA ILE A 77 10.44 9.99 9.30
C ILE A 77 10.08 8.71 8.57
N LEU A 78 10.12 7.57 9.27
CA LEU A 78 9.58 6.36 8.68
C LEU A 78 8.07 6.36 8.84
N ARG A 79 7.38 5.64 7.95
CA ARG A 79 5.93 5.47 8.07
C ARG A 79 5.57 3.99 8.03
N PHE A 80 4.80 3.56 9.02
CA PHE A 80 4.29 2.19 9.07
C PHE A 80 3.16 2.04 8.07
N VAL A 81 3.33 1.14 7.09
CA VAL A 81 2.41 0.98 5.97
C VAL A 81 2.24 -0.50 5.70
N VAL A 82 1.14 -0.85 5.03
CA VAL A 82 0.99 -2.19 4.47
C VAL A 82 2.06 -2.44 3.42
N LYS A 83 2.63 -3.64 3.43
CA LYS A 83 3.62 -4.05 2.44
C LYS A 83 3.12 -5.13 1.50
N PHE A 84 2.31 -6.06 2.00
CA PHE A 84 1.74 -7.13 1.19
C PHE A 84 0.22 -7.10 1.35
N PHE A 85 -0.50 -7.00 0.22
CA PHE A 85 -1.95 -7.04 0.23
C PHE A 85 -2.42 -8.43 -0.13
N PRO A 86 -2.95 -9.21 0.81
CA PRO A 86 -3.39 -10.58 0.50
C PRO A 86 -4.66 -10.58 -0.32
N PRO A 87 -4.99 -11.71 -0.97
CA PRO A 87 -6.23 -11.78 -1.76
C PRO A 87 -7.49 -11.98 -0.91
N ASP A 88 -7.40 -12.83 0.11
CA ASP A 88 -8.53 -13.07 1.00
C ASP A 88 -8.55 -12.05 2.12
N HIS A 89 -9.73 -11.53 2.42
CA HIS A 89 -9.88 -10.46 3.40
C HIS A 89 -10.67 -10.87 4.64
N THR A 90 -11.60 -11.80 4.52
CA THR A 90 -12.37 -12.24 5.68
C THR A 90 -11.52 -13.02 6.68
N GLN A 91 -10.38 -13.54 6.25
CA GLN A 91 -9.54 -14.37 7.11
C GLN A 91 -8.66 -13.56 8.06
N LEU A 92 -8.50 -12.26 7.82
CA LEU A 92 -7.69 -11.43 8.71
C LEU A 92 -8.26 -11.49 10.14
N LEU A 93 -7.67 -12.36 10.95
CA LEU A 93 -8.25 -12.68 12.26
C LEU A 93 -8.39 -11.44 13.12
N GLU A 94 -7.31 -10.68 13.28
CA GLU A 94 -7.34 -9.50 14.14
C GLU A 94 -8.23 -8.43 13.53
N GLU A 95 -9.25 -8.00 14.27
CA GLU A 95 -10.06 -6.87 13.87
C GLU A 95 -9.20 -5.61 13.74
N LEU A 96 -8.15 -5.50 14.56
CA LEU A 96 -7.21 -4.39 14.44
C LEU A 96 -6.45 -4.45 13.12
N THR A 97 -6.03 -5.64 12.71
CA THR A 97 -5.35 -5.80 11.43
C THR A 97 -6.22 -5.28 10.29
N ARG A 98 -7.50 -5.65 10.29
CA ARG A 98 -8.43 -5.12 9.29
C ARG A 98 -8.53 -3.60 9.40
N TYR A 99 -8.52 -3.08 10.62
CA TYR A 99 -8.65 -1.64 10.83
C TYR A 99 -7.48 -0.89 10.21
N LEU A 100 -6.25 -1.41 10.37
CA LEU A 100 -5.11 -0.76 9.74
C LEU A 100 -5.19 -0.82 8.23
N PHE A 101 -5.73 -1.92 7.69
CA PHE A 101 -5.94 -2.00 6.25
C PHE A 101 -6.95 -0.96 5.78
N ALA A 102 -8.05 -0.80 6.53
CA ALA A 102 -9.04 0.20 6.14
C ALA A 102 -8.46 1.60 6.16
N LEU A 103 -7.63 1.90 7.17
CA LEU A 103 -6.87 3.15 7.16
C LEU A 103 -5.98 3.24 5.93
N GLN A 104 -5.32 2.14 5.57
CA GLN A 104 -4.45 2.13 4.41
C GLN A 104 -5.21 2.48 3.14
N ILE A 105 -6.37 1.86 2.95
CA ILE A 105 -7.23 2.19 1.81
C ILE A 105 -7.66 3.65 1.89
N LYS A 106 -7.97 4.13 3.08
CA LYS A 106 -8.32 5.53 3.27
C LYS A 106 -7.23 6.43 2.71
N HIS A 107 -5.97 6.13 3.04
CA HIS A 107 -4.85 6.93 2.56
C HIS A 107 -4.72 6.87 1.04
N ASP A 108 -4.65 5.65 0.49
CA ASP A 108 -4.48 5.49 -0.95
C ASP A 108 -5.59 6.18 -1.72
N LEU A 109 -6.81 6.16 -1.17
CA LEU A 109 -7.94 6.82 -1.81
C LEU A 109 -7.67 8.31 -1.99
N ALA A 110 -7.08 8.96 -0.97
CA ALA A 110 -6.85 10.39 -1.02
C ALA A 110 -5.62 10.75 -1.85
N CYS A 111 -4.57 9.93 -1.78
CA CYS A 111 -3.36 10.20 -2.54
C CYS A 111 -3.60 10.11 -4.04
N GLY A 112 -4.55 9.27 -4.46
CA GLY A 112 -4.70 8.92 -5.85
C GLY A 112 -4.04 7.61 -6.22
N ARG A 113 -3.38 6.94 -5.27
CA ARG A 113 -2.84 5.61 -5.49
C ARG A 113 -3.93 4.57 -5.69
N LEU A 114 -5.17 4.89 -5.32
CA LEU A 114 -6.32 4.03 -5.57
C LEU A 114 -7.40 4.85 -6.25
N THR A 115 -7.66 4.54 -7.51
CA THR A 115 -8.78 5.10 -8.26
C THR A 115 -9.68 3.96 -8.72
N CYS A 116 -10.92 4.29 -9.06
CA CYS A 116 -11.88 3.27 -9.47
C CYS A 116 -13.09 3.96 -10.10
N ASN A 117 -14.13 3.17 -10.36
CA ASN A 117 -15.39 3.69 -10.88
C ASN A 117 -16.01 4.66 -9.87
N GLU A 118 -16.85 5.56 -10.40
CA GLU A 118 -17.49 6.57 -9.55
C GLU A 118 -18.35 5.94 -8.47
N SER A 119 -19.26 5.04 -8.86
CA SER A 119 -20.13 4.40 -7.88
C SER A 119 -19.34 3.61 -6.86
N SER A 120 -18.29 2.91 -7.30
CA SER A 120 -17.42 2.21 -6.37
C SER A 120 -16.75 3.18 -5.41
N ALA A 121 -16.25 4.29 -5.94
CA ALA A 121 -15.57 5.28 -5.09
C ALA A 121 -16.52 5.90 -4.09
N ALA A 122 -17.77 6.13 -4.49
CA ALA A 122 -18.75 6.68 -3.56
C ALA A 122 -19.06 5.69 -2.45
N LEU A 123 -19.29 4.42 -2.81
CA LEU A 123 -19.55 3.39 -1.82
C LEU A 123 -18.39 3.24 -0.85
N LEU A 124 -17.15 3.28 -1.37
CA LEU A 124 -15.99 3.16 -0.50
C LEU A 124 -15.91 4.31 0.49
N VAL A 125 -16.22 5.52 0.04
CA VAL A 125 -16.22 6.66 0.97
C VAL A 125 -17.36 6.54 1.96
N ALA A 126 -18.54 6.13 1.49
CA ALA A 126 -19.69 6.04 2.37
C ALA A 126 -19.45 5.08 3.52
N HIS A 127 -18.61 4.06 3.32
CA HIS A 127 -18.24 3.19 4.43
C HIS A 127 -17.24 3.88 5.35
N ILE A 128 -16.29 4.63 4.78
CA ILE A 128 -15.37 5.40 5.61
C ILE A 128 -16.14 6.40 6.45
N VAL A 129 -17.13 7.07 5.84
CA VAL A 129 -17.96 8.01 6.59
C VAL A 129 -18.74 7.28 7.67
N GLN A 130 -19.30 6.11 7.33
CA GLN A 130 -20.05 5.35 8.31
C GLN A 130 -19.19 4.95 9.49
N SER A 131 -17.94 4.57 9.24
CA SER A 131 -17.06 4.15 10.33
C SER A 131 -16.68 5.29 11.24
N GLU A 132 -16.79 6.54 10.78
CA GLU A 132 -16.25 7.68 11.50
C GLU A 132 -17.30 8.52 12.22
N ILE A 133 -18.47 8.73 11.62
CA ILE A 133 -19.50 9.56 12.24
C ILE A 133 -20.76 8.77 12.57
N GLY A 134 -20.82 7.49 12.23
CA GLY A 134 -21.96 6.66 12.58
C GLY A 134 -23.07 6.67 11.55
N ASP A 135 -24.32 6.56 12.02
CA ASP A 135 -25.45 6.46 11.13
C ASP A 135 -25.65 7.76 10.34
N PHE A 136 -26.41 7.64 9.26
CA PHE A 136 -26.65 8.78 8.37
C PHE A 136 -27.44 9.87 9.07
N ASP A 137 -27.14 11.11 8.70
CA ASP A 137 -27.89 12.28 9.17
C ASP A 137 -27.70 13.36 8.11
N GLU A 138 -28.81 13.82 7.51
CA GLU A 138 -28.73 14.77 6.41
C GLU A 138 -27.89 15.99 6.77
N VAL A 139 -28.08 16.52 7.99
CA VAL A 139 -27.33 17.68 8.43
C VAL A 139 -25.86 17.32 8.65
N GLN A 140 -25.60 16.34 9.51
CA GLN A 140 -24.24 16.02 9.89
C GLN A 140 -23.42 15.50 8.72
N CYS A 141 -24.01 14.65 7.88
CA CYS A 141 -23.25 13.99 6.83
C CYS A 141 -22.78 14.98 5.77
N LYS A 142 -23.71 15.72 5.17
CA LYS A 142 -23.34 16.66 4.12
C LYS A 142 -22.32 17.68 4.63
N GLN A 143 -22.43 18.08 5.89
CA GLN A 143 -21.40 18.93 6.49
C GLN A 143 -20.07 18.19 6.57
N HIS A 144 -20.10 16.92 7.00
CA HIS A 144 -18.86 16.17 7.21
C HIS A 144 -18.12 15.94 5.89
N LEU A 145 -18.83 15.85 4.78
CA LEU A 145 -18.19 15.66 3.49
C LEU A 145 -17.56 16.94 2.96
N LEU A 146 -17.98 18.09 3.45
CA LEU A 146 -17.35 19.36 3.07
C LEU A 146 -16.13 19.66 3.92
N ASN A 147 -16.09 19.15 5.15
CA ASN A 147 -14.95 19.34 6.03
C ASN A 147 -13.86 18.31 5.83
N ASN A 148 -14.18 17.17 5.22
CA ASN A 148 -13.23 16.09 5.00
C ASN A 148 -13.34 15.62 3.56
N LYS A 149 -12.20 15.61 2.87
CA LYS A 149 -12.12 15.20 1.47
C LYS A 149 -11.43 13.85 1.41
N TYR A 150 -12.20 12.80 1.11
CA TYR A 150 -11.65 11.45 1.08
C TYR A 150 -11.17 11.01 -0.29
N ILE A 151 -11.69 11.62 -1.35
CA ILE A 151 -11.24 11.34 -2.71
C ILE A 151 -11.10 12.67 -3.45
N PRO A 152 -10.13 12.83 -4.34
CA PRO A 152 -10.09 14.02 -5.17
C PRO A 152 -11.33 14.11 -6.05
N GLU A 153 -11.73 15.35 -6.34
CA GLU A 153 -12.97 15.62 -7.07
C GLU A 153 -14.15 14.92 -6.40
N GLN A 154 -14.23 15.09 -5.07
CA GLN A 154 -15.30 14.48 -4.29
C GLN A 154 -16.62 15.25 -4.44
N ASP A 155 -16.54 16.57 -4.64
CA ASP A 155 -17.75 17.38 -4.71
C ASP A 155 -18.70 16.88 -5.79
N THR A 156 -18.17 16.51 -6.95
CA THR A 156 -19.02 15.97 -8.01
C THR A 156 -19.62 14.62 -7.65
N LEU A 157 -19.00 13.89 -6.72
CA LEU A 157 -19.45 12.57 -6.32
C LEU A 157 -20.23 12.60 -5.01
N MET A 158 -20.64 13.78 -4.55
CA MET A 158 -21.19 13.90 -3.20
C MET A 158 -22.59 13.30 -3.10
N ASP A 159 -23.40 13.45 -4.15
CA ASP A 159 -24.77 12.94 -4.10
C ASP A 159 -24.80 11.41 -3.97
N LYS A 160 -23.92 10.72 -4.70
CA LYS A 160 -23.90 9.26 -4.64
C LYS A 160 -23.48 8.77 -3.26
N ILE A 161 -22.53 9.45 -2.61
CA ILE A 161 -22.10 9.04 -1.28
C ILE A 161 -23.26 9.16 -0.28
N ILE A 162 -24.08 10.20 -0.43
CA ILE A 162 -25.24 10.36 0.45
C ILE A 162 -26.17 9.18 0.32
N GLY A 163 -26.42 8.73 -0.91
CA GLY A 163 -27.32 7.61 -1.12
C GLY A 163 -26.81 6.35 -0.43
N TYR A 164 -25.54 6.01 -0.64
CA TYR A 164 -24.99 4.82 -0.02
C TYR A 164 -24.96 4.92 1.50
N HIS A 165 -24.77 6.13 2.04
CA HIS A 165 -24.69 6.26 3.48
C HIS A 165 -26.04 5.97 4.15
N ARG A 166 -27.14 6.34 3.49
CA ARG A 166 -28.46 6.03 4.04
C ARG A 166 -28.69 4.54 4.16
N LYS A 167 -27.88 3.72 3.49
CA LYS A 167 -28.02 2.27 3.55
C LYS A 167 -27.16 1.63 4.63
N HIS A 168 -26.03 2.25 4.97
CA HIS A 168 -25.12 1.69 5.96
C HIS A 168 -25.60 1.89 7.39
N VAL A 169 -26.86 2.30 7.60
CA VAL A 169 -27.33 2.60 8.94
C VAL A 169 -27.17 1.40 9.85
N GLY A 170 -26.72 1.65 11.08
CA GLY A 170 -26.58 0.62 12.08
C GLY A 170 -25.31 -0.19 12.02
N GLN A 171 -24.39 0.13 11.11
CA GLN A 171 -23.15 -0.61 10.98
C GLN A 171 -22.09 -0.01 11.88
N THR A 172 -21.43 -0.86 12.66
CA THR A 172 -20.36 -0.41 13.53
C THR A 172 -19.12 -0.07 12.70
N PRO A 173 -18.19 0.70 13.26
CA PRO A 173 -16.93 0.97 12.53
C PRO A 173 -16.19 -0.30 12.14
N ALA A 174 -16.17 -1.31 13.02
CA ALA A 174 -15.54 -2.57 12.68
C ALA A 174 -16.25 -3.24 11.51
N GLU A 175 -17.58 -3.17 11.49
CA GLU A 175 -18.34 -3.69 10.37
C GLU A 175 -18.09 -2.88 9.10
N SER A 176 -17.74 -1.60 9.23
CA SER A 176 -17.48 -0.79 8.04
C SER A 176 -16.11 -1.08 7.44
N ASP A 177 -15.09 -1.27 8.29
CA ASP A 177 -13.79 -1.63 7.78
C ASP A 177 -13.86 -2.93 6.97
N TYR A 178 -14.63 -3.90 7.45
CA TYR A 178 -14.83 -5.14 6.71
C TYR A 178 -15.44 -4.87 5.35
N GLN A 179 -16.49 -4.05 5.31
CA GLN A 179 -17.11 -3.71 4.04
C GLN A 179 -16.15 -2.95 3.13
N LEU A 180 -15.32 -2.08 3.71
CA LEU A 180 -14.28 -1.41 2.94
C LEU A 180 -13.40 -2.42 2.23
N LEU A 181 -12.87 -3.39 2.98
CA LEU A 181 -11.95 -4.37 2.40
C LEU A 181 -12.64 -5.21 1.35
N GLU A 182 -13.86 -5.68 1.63
CA GLU A 182 -14.57 -6.51 0.66
C GLU A 182 -14.81 -5.77 -0.65
N ILE A 183 -15.10 -4.48 -0.57
CA ILE A 183 -15.38 -3.74 -1.79
C ILE A 183 -14.09 -3.26 -2.44
N ALA A 184 -13.05 -2.97 -1.65
CA ALA A 184 -11.80 -2.50 -2.22
C ALA A 184 -10.96 -3.63 -2.81
N ARG A 185 -11.05 -4.84 -2.24
CA ARG A 185 -10.18 -5.93 -2.68
C ARG A 185 -10.47 -6.40 -4.10
N ARG A 186 -11.62 -6.04 -4.66
CA ARG A 186 -11.95 -6.41 -6.03
C ARG A 186 -11.51 -5.35 -7.03
N LEU A 187 -10.96 -4.24 -6.55
CA LEU A 187 -10.61 -3.12 -7.43
C LEU A 187 -9.32 -3.38 -8.17
N GLU A 188 -9.29 -2.92 -9.43
CA GLU A 188 -8.15 -3.16 -10.31
C GLU A 188 -6.87 -2.57 -9.75
N MET A 189 -6.96 -1.44 -9.04
CA MET A 189 -5.81 -0.77 -8.47
C MET A 189 -5.56 -1.12 -7.00
N TYR A 190 -6.25 -2.13 -6.47
CA TYR A 190 -6.13 -2.46 -5.05
C TYR A 190 -4.73 -2.96 -4.73
N GLY A 191 -4.11 -2.37 -3.71
CA GLY A 191 -2.76 -2.72 -3.31
C GLY A 191 -1.69 -2.49 -4.35
N VAL A 192 -1.97 -1.71 -5.39
CA VAL A 192 -1.07 -1.55 -6.52
C VAL A 192 -0.21 -0.31 -6.31
N ARG A 193 1.10 -0.50 -6.25
CA ARG A 193 2.07 0.59 -6.25
C ARG A 193 2.86 0.52 -7.55
N LEU A 194 2.79 1.57 -8.37
CA LEU A 194 3.26 1.53 -9.75
C LEU A 194 4.73 1.91 -9.88
N HIS A 195 5.43 1.18 -10.73
CA HIS A 195 6.80 1.53 -11.12
C HIS A 195 6.84 1.84 -12.60
N PRO A 196 7.08 3.08 -13.00
CA PRO A 196 7.03 3.44 -14.42
C PRO A 196 8.11 2.74 -15.24
N ALA A 197 7.74 2.37 -16.45
CA ALA A 197 8.64 1.66 -17.36
C ALA A 197 8.14 1.84 -18.79
N LYS A 198 8.99 1.46 -19.73
CA LYS A 198 8.66 1.52 -21.16
C LYS A 198 9.03 0.21 -21.82
N ASP A 199 8.15 -0.26 -22.71
CA ASP A 199 8.42 -1.47 -23.46
C ASP A 199 9.38 -1.16 -24.61
N ARG A 200 9.79 -2.22 -25.33
CA ARG A 200 10.59 -2.02 -26.54
C ARG A 200 9.90 -1.07 -27.51
N GLU A 201 8.57 -1.06 -27.51
CA GLU A 201 7.79 -0.23 -28.41
C GLU A 201 7.91 1.24 -28.03
N GLY A 202 8.63 1.52 -26.94
CA GLY A 202 8.74 2.86 -26.43
C GLY A 202 7.47 3.40 -25.82
N THR A 203 6.60 2.51 -25.32
CA THR A 203 5.29 2.90 -24.82
C THR A 203 5.38 3.09 -23.30
N ARG A 204 4.98 4.26 -22.83
CA ARG A 204 5.02 4.56 -21.40
C ARG A 204 3.96 3.75 -20.67
N LEU A 205 4.40 2.82 -19.83
CA LEU A 205 3.48 1.98 -19.05
C LEU A 205 3.86 2.00 -17.58
N SER A 206 3.51 0.94 -16.86
CA SER A 206 3.88 0.80 -15.46
C SER A 206 3.82 -0.67 -15.08
N LEU A 207 4.76 -1.09 -14.23
CA LEU A 207 4.81 -2.46 -13.73
C LEU A 207 4.47 -2.47 -12.25
N ALA A 208 3.94 -3.60 -11.79
CA ALA A 208 3.60 -3.77 -10.38
C ALA A 208 3.66 -5.26 -10.06
N VAL A 209 3.47 -5.58 -8.78
CA VAL A 209 3.48 -6.96 -8.31
C VAL A 209 2.32 -7.15 -7.33
N ALA A 210 1.77 -8.35 -7.34
CA ALA A 210 0.66 -8.69 -6.46
C ALA A 210 0.83 -10.13 -5.98
N HIS A 211 -0.17 -10.61 -5.22
CA HIS A 211 -0.16 -12.00 -4.77
C HIS A 211 -0.19 -12.97 -5.94
N SER A 212 -0.86 -12.60 -7.03
CA SER A 212 -0.97 -13.48 -8.19
C SER A 212 0.30 -13.50 -9.02
N GLY A 213 1.02 -12.38 -9.10
CA GLY A 213 2.22 -12.30 -9.91
C GLY A 213 2.64 -10.89 -10.25
N VAL A 214 3.12 -10.68 -11.47
CA VAL A 214 3.55 -9.37 -11.95
C VAL A 214 2.42 -8.76 -12.76
N LEU A 215 2.34 -7.43 -12.73
CA LEU A 215 1.25 -6.70 -13.38
C LEU A 215 1.82 -5.63 -14.30
N VAL A 216 1.08 -5.32 -15.36
CA VAL A 216 1.46 -4.33 -16.35
C VAL A 216 0.28 -3.38 -16.56
N PHE A 217 0.51 -2.08 -16.35
CA PHE A 217 -0.53 -1.08 -16.39
C PHE A 217 -0.23 -0.03 -17.46
N GLN A 218 -1.29 0.44 -18.12
CA GLN A 218 -1.22 1.65 -18.93
C GLN A 218 -2.05 2.71 -18.23
N GLY A 219 -1.39 3.78 -17.80
CA GLY A 219 -2.04 4.72 -16.91
C GLY A 219 -2.44 4.00 -15.64
N HIS A 220 -3.73 3.69 -15.51
CA HIS A 220 -4.23 2.94 -14.36
C HIS A 220 -5.06 1.74 -14.77
N THR A 221 -4.95 1.29 -16.01
CA THR A 221 -5.65 0.12 -16.49
C THR A 221 -4.69 -1.04 -16.60
N LYS A 222 -5.05 -2.18 -16.00
CA LYS A 222 -4.22 -3.37 -16.09
C LYS A 222 -4.20 -3.89 -17.53
N ILE A 223 -3.00 -4.25 -18.00
CA ILE A 223 -2.82 -4.77 -19.35
C ILE A 223 -2.64 -6.28 -19.31
N ASN A 224 -1.54 -6.73 -18.70
CA ASN A 224 -1.20 -8.14 -18.62
C ASN A 224 -1.02 -8.58 -17.17
N ALA A 225 -1.12 -9.89 -16.97
CA ALA A 225 -0.92 -10.50 -15.66
C ALA A 225 -0.11 -11.77 -15.86
N PHE A 226 1.05 -11.86 -15.23
CA PHE A 226 1.94 -12.99 -15.35
C PHE A 226 1.98 -13.71 -14.00
N ASN A 227 1.14 -14.73 -13.87
CA ASN A 227 1.05 -15.46 -12.62
C ASN A 227 2.37 -16.19 -12.33
N TRP A 228 2.62 -16.41 -11.03
CA TRP A 228 3.86 -17.07 -10.62
C TRP A 228 4.03 -18.43 -11.28
N SER A 229 2.91 -19.10 -11.57
CA SER A 229 2.99 -20.38 -12.27
C SER A 229 3.59 -20.23 -13.66
N LYS A 230 3.41 -19.07 -14.29
CA LYS A 230 3.89 -18.82 -15.65
C LYS A 230 5.04 -17.82 -15.68
N VAL A 231 5.84 -17.75 -14.61
CA VAL A 231 6.99 -16.87 -14.52
C VAL A 231 8.20 -17.71 -14.16
N ARG A 232 9.13 -17.88 -15.11
CA ARG A 232 10.26 -18.78 -14.91
C ARG A 232 11.34 -18.13 -14.06
N LYS A 233 11.76 -16.90 -14.41
CA LYS A 233 12.81 -16.22 -13.66
C LYS A 233 12.68 -14.72 -13.85
N LEU A 234 12.95 -13.97 -12.78
CA LEU A 234 12.92 -12.51 -12.78
C LEU A 234 14.34 -11.98 -12.67
N SER A 235 14.74 -11.16 -13.64
CA SER A 235 16.10 -10.64 -13.71
C SER A 235 16.06 -9.17 -14.10
N PHE A 236 17.21 -8.51 -13.97
CA PHE A 236 17.33 -7.11 -14.33
C PHE A 236 18.78 -6.81 -14.63
N LYS A 237 19.02 -5.98 -15.66
CA LYS A 237 20.35 -5.56 -16.04
C LYS A 237 20.36 -4.05 -16.19
N ARG A 238 21.13 -3.38 -15.33
CA ARG A 238 21.24 -1.91 -15.35
C ARG A 238 19.86 -1.26 -15.26
N LYS A 239 19.33 -0.83 -16.40
CA LYS A 239 18.05 -0.14 -16.47
C LYS A 239 17.11 -0.86 -17.42
N ARG A 240 17.06 -2.19 -17.31
CA ARG A 240 16.18 -3.00 -18.15
C ARG A 240 15.69 -4.19 -17.32
N PHE A 241 14.38 -4.40 -17.30
CA PHE A 241 13.78 -5.49 -16.56
C PHE A 241 13.48 -6.66 -17.48
N LEU A 242 13.66 -7.87 -16.96
CA LEU A 242 13.56 -9.10 -17.74
C LEU A 242 12.63 -10.08 -17.05
N ILE A 243 11.59 -10.52 -17.76
CA ILE A 243 10.64 -11.48 -17.25
C ILE A 243 10.66 -12.69 -18.17
N LYS A 244 11.13 -13.83 -17.66
CA LYS A 244 11.18 -15.06 -18.43
C LYS A 244 9.93 -15.88 -18.17
N LEU A 245 9.26 -16.29 -19.25
CA LEU A 245 8.02 -17.02 -19.17
C LEU A 245 8.24 -18.49 -19.51
N ARG A 246 7.25 -19.32 -19.17
CA ARG A 246 7.30 -20.75 -19.44
C ARG A 246 6.20 -21.16 -20.40
N CYS A 253 8.24 -21.96 -22.91
CA CYS A 253 8.80 -20.63 -22.74
C CYS A 253 8.48 -19.76 -23.94
N GLN A 254 7.76 -18.66 -23.70
CA GLN A 254 7.38 -17.73 -24.76
C GLN A 254 8.59 -16.93 -25.23
N ASP A 255 8.95 -15.90 -24.48
CA ASP A 255 10.12 -15.10 -24.77
C ASP A 255 10.54 -14.42 -23.47
N THR A 256 11.47 -13.47 -23.57
CA THR A 256 11.92 -12.67 -22.43
C THR A 256 11.57 -11.22 -22.73
N LEU A 257 10.51 -10.72 -22.09
CA LEU A 257 10.06 -9.36 -22.31
C LEU A 257 10.98 -8.38 -21.59
N GLU A 258 11.45 -7.38 -22.32
CA GLU A 258 12.37 -6.38 -21.79
C GLU A 258 11.60 -5.09 -21.48
N PHE A 259 11.98 -4.42 -20.39
CA PHE A 259 11.34 -3.19 -19.96
C PHE A 259 12.38 -2.21 -19.47
N MET A 260 12.42 -1.03 -20.08
CA MET A 260 13.32 0.03 -19.65
C MET A 260 12.70 0.79 -18.47
N MET A 261 13.48 0.97 -17.42
CA MET A 261 13.01 1.67 -16.21
C MET A 261 13.87 2.92 -15.98
N GLY A 262 13.58 3.61 -14.87
CA GLY A 262 14.15 4.93 -14.67
C GLY A 262 15.64 4.89 -14.34
N SER A 263 16.03 4.05 -13.39
CA SER A 263 17.41 4.02 -12.94
C SER A 263 17.80 2.60 -12.59
N ARG A 264 19.10 2.40 -12.37
CA ARG A 264 19.59 1.11 -11.91
C ARG A 264 19.00 0.75 -10.55
N ASP A 265 18.67 1.76 -9.74
CA ASP A 265 18.05 1.51 -8.45
C ASP A 265 16.59 1.10 -8.61
N CYS A 266 15.89 1.73 -9.55
CA CYS A 266 14.48 1.39 -9.77
C CYS A 266 14.31 -0.09 -10.09
N CYS A 267 15.19 -0.64 -10.92
CA CYS A 267 15.15 -2.07 -11.19
C CYS A 267 15.40 -2.87 -9.92
N LYS A 268 16.40 -2.46 -9.13
CA LYS A 268 16.70 -3.17 -7.89
C LYS A 268 15.51 -3.14 -6.93
N VAL A 269 14.84 -1.99 -6.83
CA VAL A 269 13.70 -1.87 -5.92
C VAL A 269 12.57 -2.79 -6.35
N PHE A 270 12.17 -2.70 -7.62
CA PHE A 270 11.10 -3.55 -8.13
C PHE A 270 11.49 -5.02 -8.08
N TRP A 271 12.75 -5.33 -8.37
CA TRP A 271 13.20 -6.72 -8.29
C TRP A 271 13.03 -7.28 -6.88
N LYS A 272 13.40 -6.50 -5.87
CA LYS A 272 13.29 -6.99 -4.49
C LYS A 272 11.84 -7.30 -4.14
N ILE A 273 10.93 -6.35 -4.39
CA ILE A 273 9.54 -6.54 -3.99
C ILE A 273 8.89 -7.66 -4.79
N CYS A 274 9.39 -7.95 -5.99
CA CYS A 274 8.88 -9.08 -6.75
C CYS A 274 9.25 -10.39 -6.08
N VAL A 275 10.53 -10.54 -5.71
CA VAL A 275 10.96 -11.74 -5.00
C VAL A 275 10.26 -11.84 -3.65
N GLU A 276 10.19 -10.73 -2.92
CA GLU A 276 9.57 -10.75 -1.60
C GLU A 276 8.08 -11.05 -1.68
N TYR A 277 7.41 -10.63 -2.75
CA TYR A 277 5.99 -10.95 -2.90
C TYR A 277 5.80 -12.43 -3.17
N HIS A 278 6.57 -13.00 -4.11
CA HIS A 278 6.45 -14.43 -4.38
C HIS A 278 6.84 -15.27 -3.17
N ALA A 279 7.93 -14.88 -2.49
CA ALA A 279 8.35 -15.61 -1.30
C ALA A 279 7.31 -15.54 -0.19
N PHE A 280 6.47 -14.52 -0.19
CA PHE A 280 5.44 -14.39 0.83
C PHE A 280 4.21 -15.22 0.54
N PHE A 281 3.97 -15.57 -0.73
CA PHE A 281 2.82 -16.36 -1.13
C PHE A 281 3.21 -17.68 -1.77
N ARG A 282 4.47 -18.07 -1.69
CA ARG A 282 4.94 -19.33 -2.26
C ARG A 282 6.32 -19.70 -1.72
#